data_7EB9
#
_entry.id   7EB9
#
_cell.length_a   45.381
_cell.length_b   53.777
_cell.length_c   240.115
_cell.angle_alpha   90.00
_cell.angle_beta   90.00
_cell.angle_gamma   90.00
#
_symmetry.space_group_name_H-M   'P 2 21 21'
#
loop_
_entity.id
_entity.type
_entity.pdbx_description
1 polymer 'tetra ubiquitin'
2 polymer 'TNFAIP3-interacting protein 1'
#
loop_
_entity_poly.entity_id
_entity_poly.type
_entity_poly.pdbx_seq_one_letter_code
_entity_poly.pdbx_strand_id
1 'polypeptide(L)'
;MQIFVKTLTGKTITLEVEPSDTIENVKAKIQDKEGIPPDQQRLIFAGKQLEDGRTLSDYNIQKESTLHLVLRLRGGMQIF
VKTLTGKTITLEVEPSDTIENVKAKIQDKEGIPPDQQRLIFAGKQLEDGRTLSDYNIQKESTLHLVLRLRGGMQIFVKTL
TGKTITLEVEPSDTIENVKAKIQDKEGIPPDQQRLIFAGKQLEDGRTLSDYNIQKESTLHLVLRLRGGMQIFVKTLTGKT
ITLEVEPSDTIENVKAKIQDKEGIPPDQQRLIFAGKQLEDGRTLSDYNIQKESTLHLVLRLRGG
;
A
2 'polypeptide(L)'
;EIQRLNKALEEALSIQTPPSSPPTAFGSPEGAGALLRKQELVTQNELLKQQVKIFEEDFQRERSDRERMNEEKEELKKQV
EKLQAQVTLSNTQLKAFKD
;
B,C
#
# COMPACT_ATOMS: atom_id res chain seq x y z
N MET A 1 -24.70 20.18 -22.12
CA MET A 1 -25.85 20.54 -21.28
C MET A 1 -25.52 20.35 -19.81
N GLN A 2 -26.49 20.65 -18.94
CA GLN A 2 -26.35 20.47 -17.51
C GLN A 2 -27.51 19.64 -16.98
N ILE A 3 -27.20 18.64 -16.16
CA ILE A 3 -28.22 17.81 -15.53
C ILE A 3 -28.05 17.87 -14.01
N PHE A 4 -29.08 17.40 -13.31
CA PHE A 4 -29.09 17.34 -11.87
C PHE A 4 -29.10 15.88 -11.41
N VAL A 5 -28.46 15.63 -10.27
CA VAL A 5 -28.43 14.31 -9.66
C VAL A 5 -28.83 14.47 -8.20
N LYS A 6 -29.85 13.73 -7.77
CA LYS A 6 -30.39 13.87 -6.43
C LYS A 6 -30.22 12.55 -5.67
N THR A 7 -29.93 12.67 -4.38
CA THR A 7 -29.76 11.54 -3.48
C THR A 7 -30.98 11.45 -2.56
N LEU A 8 -31.14 10.28 -1.93
CA LEU A 8 -32.23 10.09 -0.98
C LEU A 8 -32.23 11.17 0.10
N THR A 9 -31.04 11.62 0.50
CA THR A 9 -30.90 12.89 1.21
C THR A 9 -30.74 13.98 0.16
N GLY A 10 -31.73 14.87 0.06
CA GLY A 10 -31.85 15.80 -1.04
C GLY A 10 -30.62 16.62 -1.40
N LYS A 11 -29.51 15.93 -1.65
CA LYS A 11 -28.26 16.57 -2.08
C LYS A 11 -28.27 16.63 -3.61
N THR A 12 -28.85 17.72 -4.13
CA THR A 12 -28.80 17.96 -5.57
C THR A 12 -27.39 18.39 -5.98
N ILE A 13 -26.90 17.81 -7.06
CA ILE A 13 -25.58 18.15 -7.60
C ILE A 13 -25.71 18.38 -9.10
N THR A 14 -25.01 19.39 -9.60
CA THR A 14 -25.05 19.77 -11.01
C THR A 14 -23.90 19.10 -11.76
N LEU A 15 -24.19 18.58 -12.95
CA LEU A 15 -23.20 17.93 -13.78
C LEU A 15 -23.25 18.53 -15.18
N GLU A 16 -22.14 19.13 -15.60
CA GLU A 16 -21.97 19.59 -16.98
C GLU A 16 -21.56 18.39 -17.83
N VAL A 17 -22.47 17.91 -18.67
CA VAL A 17 -22.26 16.71 -19.46
C VAL A 17 -22.92 16.89 -20.83
N GLU A 18 -22.53 16.05 -21.78
CA GLU A 18 -23.12 16.06 -23.10
C GLU A 18 -23.98 14.83 -23.32
N PRO A 19 -25.04 14.93 -24.12
CA PRO A 19 -25.91 13.75 -24.34
C PRO A 19 -25.19 12.57 -24.98
N SER A 20 -24.08 12.81 -25.69
CA SER A 20 -23.32 11.73 -26.31
C SER A 20 -22.37 11.05 -25.34
N ASP A 21 -22.51 11.30 -24.03
CA ASP A 21 -21.62 10.72 -23.04
C ASP A 21 -22.17 9.41 -22.52
N THR A 22 -21.27 8.48 -22.22
CA THR A 22 -21.65 7.21 -21.62
C THR A 22 -22.08 7.43 -20.16
N ILE A 23 -22.52 6.36 -19.52
CA ILE A 23 -22.93 6.46 -18.12
C ILE A 23 -21.75 6.24 -17.18
N GLU A 24 -20.78 5.40 -17.55
CA GLU A 24 -19.59 5.24 -16.74
C GLU A 24 -18.81 6.54 -16.63
N ASN A 25 -18.86 7.38 -17.67
CA ASN A 25 -18.19 8.67 -17.60
C ASN A 25 -18.96 9.66 -16.73
N VAL A 26 -20.29 9.57 -16.71
CA VAL A 26 -21.07 10.34 -15.74
C VAL A 26 -20.72 9.91 -14.32
N LYS A 27 -20.52 8.61 -14.11
CA LYS A 27 -20.08 8.13 -12.79
C LYS A 27 -18.69 8.65 -12.47
N ALA A 28 -17.80 8.70 -13.47
CA ALA A 28 -16.47 9.25 -13.26
C ALA A 28 -16.53 10.72 -12.89
N LYS A 29 -17.47 11.47 -13.47
CA LYS A 29 -17.63 12.88 -13.11
C LYS A 29 -18.16 13.03 -11.69
N ILE A 30 -19.14 12.20 -11.32
CA ILE A 30 -19.62 12.18 -9.94
C ILE A 30 -18.49 11.84 -8.98
N GLN A 31 -17.57 10.98 -9.41
CA GLN A 31 -16.40 10.66 -8.60
C GLN A 31 -15.47 11.87 -8.48
N ASP A 32 -15.27 12.59 -9.59
CA ASP A 32 -14.45 13.79 -9.57
C ASP A 32 -15.00 14.82 -8.59
N LYS A 33 -16.32 14.97 -8.55
CA LYS A 33 -16.91 16.05 -7.76
C LYS A 33 -17.18 15.67 -6.30
N GLU A 34 -17.69 14.46 -6.05
CA GLU A 34 -18.08 14.06 -4.70
C GLU A 34 -17.16 13.02 -4.08
N GLY A 35 -16.22 12.45 -4.84
CA GLY A 35 -15.33 11.45 -4.29
C GLY A 35 -15.93 10.07 -4.15
N ILE A 36 -17.08 9.81 -4.77
CA ILE A 36 -17.74 8.51 -4.69
C ILE A 36 -17.26 7.67 -5.87
N PRO A 37 -16.54 6.57 -5.65
CA PRO A 37 -16.03 5.80 -6.77
C PRO A 37 -17.16 5.16 -7.55
N PRO A 38 -16.99 4.95 -8.85
CA PRO A 38 -18.13 4.53 -9.69
C PRO A 38 -18.70 3.17 -9.31
N ASP A 39 -17.93 2.30 -8.68
CA ASP A 39 -18.41 0.96 -8.33
C ASP A 39 -19.40 0.99 -7.19
N GLN A 40 -19.46 2.08 -6.43
CA GLN A 40 -20.39 2.22 -5.32
C GLN A 40 -21.63 3.04 -5.69
N GLN A 41 -21.79 3.39 -6.97
CA GLN A 41 -22.91 4.20 -7.42
C GLN A 41 -23.94 3.35 -8.14
N ARG A 42 -25.19 3.81 -8.12
CA ARG A 42 -26.26 3.25 -8.93
C ARG A 42 -27.14 4.41 -9.39
N LEU A 43 -27.15 4.66 -10.70
CA LEU A 43 -27.93 5.75 -11.28
C LEU A 43 -29.24 5.24 -11.83
N ILE A 44 -30.32 6.00 -11.60
CA ILE A 44 -31.66 5.64 -12.04
C ILE A 44 -32.27 6.87 -12.71
N PHE A 45 -32.96 6.63 -13.84
CA PHE A 45 -33.62 7.72 -14.55
C PHE A 45 -35.11 7.75 -14.22
N ALA A 46 -35.92 7.14 -15.08
CA ALA A 46 -37.36 7.02 -14.83
C ALA A 46 -37.71 5.66 -14.26
N GLY A 47 -37.04 5.27 -13.17
CA GLY A 47 -37.22 3.96 -12.58
C GLY A 47 -36.33 2.88 -13.16
N LYS A 48 -35.53 3.19 -14.17
CA LYS A 48 -34.67 2.21 -14.83
C LYS A 48 -33.22 2.47 -14.46
N GLN A 49 -32.45 1.39 -14.30
CA GLN A 49 -31.03 1.50 -14.03
C GLN A 49 -30.32 2.12 -15.24
N LEU A 50 -29.14 2.65 -14.98
CA LEU A 50 -28.28 3.22 -16.03
C LEU A 50 -27.05 2.34 -16.17
N GLU A 51 -26.91 1.69 -17.33
CA GLU A 51 -25.82 0.77 -17.58
C GLU A 51 -24.59 1.52 -18.08
N ASP A 52 -23.41 1.02 -17.70
CA ASP A 52 -22.17 1.72 -18.00
C ASP A 52 -21.89 1.76 -19.49
N GLY A 53 -22.27 0.72 -20.23
CA GLY A 53 -22.04 0.69 -21.66
C GLY A 53 -23.17 1.31 -22.47
N ARG A 54 -23.84 2.31 -21.89
CA ARG A 54 -24.96 2.98 -22.53
C ARG A 54 -24.80 4.49 -22.39
N THR A 55 -25.38 5.22 -23.34
CA THR A 55 -25.25 6.67 -23.42
C THR A 55 -26.46 7.35 -22.80
N LEU A 56 -26.32 8.65 -22.54
CA LEU A 56 -27.45 9.44 -22.05
C LEU A 56 -28.50 9.62 -23.13
N SER A 57 -28.09 9.75 -24.39
CA SER A 57 -29.03 9.92 -25.49
C SER A 57 -29.93 8.69 -25.64
N ASP A 58 -29.44 7.51 -25.25
CA ASP A 58 -30.25 6.29 -25.39
C ASP A 58 -31.40 6.28 -24.40
N TYR A 59 -31.25 6.93 -23.25
CA TYR A 59 -32.30 6.99 -22.24
C TYR A 59 -33.16 8.24 -22.38
N ASN A 60 -33.06 8.95 -23.50
CA ASN A 60 -33.87 10.15 -23.76
C ASN A 60 -33.69 11.18 -22.65
N ILE A 61 -32.44 11.35 -22.20
CA ILE A 61 -32.12 12.28 -21.13
C ILE A 61 -31.87 13.65 -21.75
N GLN A 62 -32.79 14.58 -21.49
CA GLN A 62 -32.74 15.91 -22.11
C GLN A 62 -31.97 16.86 -21.19
N LYS A 63 -32.05 18.15 -21.49
CA LYS A 63 -31.48 19.16 -20.60
C LYS A 63 -32.28 19.25 -19.31
N GLU A 64 -31.62 19.72 -18.26
CA GLU A 64 -32.23 19.94 -16.95
C GLU A 64 -32.83 18.66 -16.36
N SER A 65 -32.43 17.50 -16.85
CA SER A 65 -32.95 16.25 -16.34
C SER A 65 -32.51 16.05 -14.88
N THR A 66 -33.20 15.14 -14.19
CA THR A 66 -32.88 14.81 -12.80
C THR A 66 -32.74 13.30 -12.69
N LEU A 67 -31.50 12.84 -12.54
CA LEU A 67 -31.22 11.46 -12.22
C LEU A 67 -31.21 11.27 -10.70
N HIS A 68 -31.41 10.03 -10.28
CA HIS A 68 -31.38 9.66 -8.87
C HIS A 68 -30.18 8.75 -8.61
N LEU A 69 -29.43 9.07 -7.56
CA LEU A 69 -28.21 8.33 -7.22
C LEU A 69 -28.45 7.57 -5.92
N VAL A 70 -28.23 6.26 -5.95
CA VAL A 70 -28.26 5.43 -4.76
C VAL A 70 -26.85 4.89 -4.53
N LEU A 71 -26.31 5.13 -3.34
CA LEU A 71 -24.98 4.66 -3.01
C LEU A 71 -25.05 3.28 -2.36
N ARG A 72 -24.12 2.42 -2.74
CA ARG A 72 -24.07 1.06 -2.21
C ARG A 72 -23.37 1.05 -0.85
N LEU A 73 -23.36 -0.12 -0.24
CA LEU A 73 -22.68 -0.31 1.04
C LEU A 73 -21.24 -0.76 0.86
N ARG A 74 -20.91 -1.38 -0.27
CA ARG A 74 -19.57 -1.83 -0.56
C ARG A 74 -19.26 -1.65 -2.04
N GLY A 75 -17.99 -1.85 -2.39
CA GLY A 75 -17.56 -1.79 -3.77
C GLY A 75 -17.17 -3.16 -4.29
N GLY A 76 -16.25 -3.19 -5.26
CA GLY A 76 -15.81 -4.45 -5.82
C GLY A 76 -14.59 -5.03 -5.14
N MET A 77 -13.81 -4.19 -4.47
CA MET A 77 -12.57 -4.61 -3.84
C MET A 77 -12.47 -4.01 -2.44
N GLN A 78 -12.07 -4.84 -1.47
CA GLN A 78 -11.86 -4.43 -0.10
C GLN A 78 -10.53 -4.97 0.38
N ILE A 79 -9.92 -4.24 1.31
CA ILE A 79 -8.71 -4.74 1.98
C ILE A 79 -8.94 -4.72 3.49
N PHE A 80 -8.19 -5.57 4.18
CA PHE A 80 -8.16 -5.59 5.63
C PHE A 80 -6.90 -4.91 6.12
N VAL A 81 -7.04 -4.07 7.15
CA VAL A 81 -5.93 -3.37 7.76
C VAL A 81 -5.97 -3.68 9.25
N LYS A 82 -4.91 -4.28 9.76
CA LYS A 82 -4.84 -4.69 11.16
C LYS A 82 -3.90 -3.79 11.91
N THR A 83 -4.39 -3.19 13.00
CA THR A 83 -3.58 -2.37 13.87
C THR A 83 -2.67 -3.24 14.73
N LEU A 84 -1.68 -2.60 15.35
CA LEU A 84 -0.88 -3.30 16.35
C LEU A 84 -1.71 -3.70 17.56
N THR A 85 -2.83 -3.01 17.80
CA THR A 85 -3.72 -3.36 18.89
C THR A 85 -4.50 -4.64 18.62
N GLY A 86 -4.58 -5.07 17.37
CA GLY A 86 -5.32 -6.26 17.01
C GLY A 86 -6.68 -6.02 16.40
N LYS A 87 -7.09 -4.77 16.24
CA LYS A 87 -8.36 -4.46 15.60
C LYS A 87 -8.22 -4.52 14.08
N THR A 88 -9.14 -5.21 13.43
CA THR A 88 -9.17 -5.33 11.98
C THR A 88 -10.21 -4.38 11.42
N ILE A 89 -9.82 -3.61 10.40
CA ILE A 89 -10.69 -2.65 9.73
C ILE A 89 -10.80 -3.04 8.26
N THR A 90 -11.99 -2.95 7.70
CA THR A 90 -12.17 -3.13 6.28
C THR A 90 -12.18 -1.78 5.57
N LEU A 91 -11.52 -1.72 4.42
CA LEU A 91 -11.43 -0.51 3.60
C LEU A 91 -11.95 -0.81 2.21
N GLU A 92 -12.77 0.10 1.69
CA GLU A 92 -13.27 0.04 0.32
C GLU A 92 -12.26 0.76 -0.56
N VAL A 93 -11.36 0.00 -1.17
CA VAL A 93 -10.27 0.58 -1.95
C VAL A 93 -10.42 0.18 -3.41
N GLU A 94 -9.51 0.66 -4.25
CA GLU A 94 -9.51 0.39 -5.68
C GLU A 94 -8.07 0.11 -6.11
N PRO A 95 -7.88 -0.56 -7.25
CA PRO A 95 -6.51 -0.78 -7.74
C PRO A 95 -5.76 0.50 -8.04
N SER A 96 -6.45 1.58 -8.41
CA SER A 96 -5.80 2.84 -8.69
C SER A 96 -5.53 3.67 -7.44
N ASP A 97 -6.15 3.31 -6.31
CA ASP A 97 -5.98 4.08 -5.08
C ASP A 97 -4.54 4.03 -4.61
N THR A 98 -3.95 5.20 -4.41
CA THR A 98 -2.59 5.27 -3.90
C THR A 98 -2.56 5.04 -2.40
N ILE A 99 -1.34 4.97 -1.85
CA ILE A 99 -1.19 4.76 -0.42
C ILE A 99 -1.72 5.97 0.36
N GLU A 100 -1.58 7.17 -0.20
CA GLU A 100 -2.17 8.35 0.41
C GLU A 100 -3.67 8.16 0.62
N ASN A 101 -4.35 7.55 -0.36
CA ASN A 101 -5.80 7.35 -0.26
C ASN A 101 -6.13 6.38 0.86
N VAL A 102 -5.42 5.25 0.96
CA VAL A 102 -5.74 4.29 1.99
C VAL A 102 -5.39 4.83 3.38
N LYS A 103 -4.35 5.65 3.47
CA LYS A 103 -4.05 6.30 4.75
C LYS A 103 -5.16 7.28 5.14
N ALA A 104 -5.67 8.02 4.16
CA ALA A 104 -6.80 8.91 4.43
C ALA A 104 -8.03 8.14 4.86
N LYS A 105 -8.28 6.98 4.24
CA LYS A 105 -9.43 6.17 4.61
C LYS A 105 -9.28 5.60 6.01
N ILE A 106 -8.07 5.18 6.37
CA ILE A 106 -7.82 4.74 7.74
C ILE A 106 -8.07 5.89 8.71
N GLN A 107 -7.70 7.11 8.32
CA GLN A 107 -8.01 8.27 9.16
C GLN A 107 -9.52 8.43 9.32
N ASP A 108 -10.26 8.31 8.21
CA ASP A 108 -11.71 8.46 8.27
C ASP A 108 -12.33 7.42 9.19
N LYS A 109 -11.84 6.18 9.14
CA LYS A 109 -12.45 5.11 9.92
C LYS A 109 -11.90 4.98 11.34
N GLU A 110 -10.79 5.65 11.67
CA GLU A 110 -10.19 5.50 12.98
C GLU A 110 -9.61 6.77 13.57
N GLY A 111 -9.69 7.91 12.88
CA GLY A 111 -9.15 9.15 13.40
C GLY A 111 -7.64 9.25 13.45
N ILE A 112 -6.92 8.17 13.14
CA ILE A 112 -5.46 8.18 13.12
C ILE A 112 -4.98 9.10 12.01
N PRO A 113 -4.24 10.16 12.33
CA PRO A 113 -3.77 11.05 11.28
C PRO A 113 -2.81 10.33 10.34
N PRO A 114 -2.83 10.67 9.05
CA PRO A 114 -1.97 9.96 8.09
C PRO A 114 -0.48 10.16 8.32
N ASP A 115 -0.07 11.24 8.99
CA ASP A 115 1.36 11.47 9.22
C ASP A 115 1.93 10.56 10.29
N GLN A 116 1.08 9.83 11.03
CA GLN A 116 1.53 8.89 12.05
C GLN A 116 1.37 7.44 11.62
N GLN A 117 1.12 7.19 10.34
CA GLN A 117 0.84 5.85 9.83
C GLN A 117 1.96 5.39 8.91
N ARG A 118 2.32 4.11 9.01
CA ARG A 118 3.12 3.45 8.00
C ARG A 118 2.58 2.04 7.83
N LEU A 119 2.37 1.65 6.57
CA LEU A 119 1.71 0.41 6.23
C LEU A 119 2.74 -0.61 5.75
N ILE A 120 2.58 -1.85 6.20
CA ILE A 120 3.48 -2.94 5.84
C ILE A 120 2.67 -4.01 5.13
N PHE A 121 3.19 -4.48 4.00
CA PHE A 121 2.58 -5.56 3.23
C PHE A 121 3.68 -6.55 2.87
N ALA A 122 3.53 -7.79 3.35
CA ALA A 122 4.44 -8.90 3.04
C ALA A 122 5.90 -8.48 3.21
N GLY A 123 6.20 -7.87 4.35
CA GLY A 123 7.56 -7.52 4.70
C GLY A 123 8.10 -6.26 4.05
N LYS A 124 7.32 -5.59 3.22
CA LYS A 124 7.74 -4.35 2.58
C LYS A 124 6.92 -3.19 3.13
N GLN A 125 7.50 -2.00 3.12
CA GLN A 125 6.82 -0.81 3.61
C GLN A 125 6.28 0.00 2.44
N LEU A 126 4.98 0.30 2.49
CA LEU A 126 4.34 1.05 1.42
C LEU A 126 4.69 2.53 1.53
N GLU A 127 4.90 3.16 0.38
CA GLU A 127 5.30 4.56 0.32
C GLU A 127 4.24 5.36 -0.43
N ASP A 128 4.00 6.58 0.05
CA ASP A 128 3.01 7.46 -0.57
C ASP A 128 3.43 7.82 -1.99
N GLY A 129 2.48 7.75 -2.92
CA GLY A 129 2.76 8.02 -4.30
C GLY A 129 2.48 6.84 -5.21
N ARG A 130 2.73 5.63 -4.72
CA ARG A 130 2.50 4.42 -5.47
C ARG A 130 1.12 3.85 -5.14
N THR A 131 0.56 3.11 -6.10
CA THR A 131 -0.77 2.54 -5.95
C THR A 131 -0.70 1.12 -5.40
N LEU A 132 -1.88 0.57 -5.08
CA LEU A 132 -1.94 -0.82 -4.65
C LEU A 132 -1.56 -1.76 -5.78
N SER A 133 -1.81 -1.36 -7.04
CA SER A 133 -1.41 -2.19 -8.18
C SER A 133 0.10 -2.30 -8.26
N ASP A 134 0.81 -1.22 -7.94
CA ASP A 134 2.28 -1.25 -7.97
C ASP A 134 2.81 -2.26 -6.96
N TYR A 135 2.28 -2.24 -5.73
CA TYR A 135 2.67 -3.19 -4.69
C TYR A 135 1.96 -4.54 -4.81
N ASN A 136 1.25 -4.78 -5.92
CA ASN A 136 0.57 -6.05 -6.17
C ASN A 136 -0.33 -6.45 -5.00
N ILE A 137 -1.07 -5.48 -4.46
CA ILE A 137 -1.98 -5.73 -3.35
C ILE A 137 -3.34 -6.09 -3.95
N GLN A 138 -3.72 -7.36 -3.79
CA GLN A 138 -4.96 -7.86 -4.35
C GLN A 138 -6.11 -7.68 -3.37
N LYS A 139 -7.31 -8.06 -3.80
CA LYS A 139 -8.47 -7.98 -2.93
C LYS A 139 -8.30 -8.89 -1.71
N GLU A 140 -8.83 -8.43 -0.58
CA GLU A 140 -8.81 -9.13 0.71
C GLU A 140 -7.39 -9.33 1.26
N SER A 141 -6.40 -8.63 0.70
CA SER A 141 -5.08 -8.63 1.30
C SER A 141 -5.12 -7.90 2.64
N THR A 142 -4.15 -8.21 3.49
CA THR A 142 -4.06 -7.63 4.82
C THR A 142 -2.81 -6.76 4.92
N LEU A 143 -3.01 -5.48 5.21
CA LEU A 143 -1.93 -4.54 5.51
C LEU A 143 -1.81 -4.40 7.02
N HIS A 144 -0.58 -4.50 7.53
CA HIS A 144 -0.32 -4.28 8.94
C HIS A 144 0.03 -2.82 9.15
N LEU A 145 -0.79 -2.12 9.93
CA LEU A 145 -0.58 -0.70 10.20
C LEU A 145 0.27 -0.56 11.45
N VAL A 146 1.31 0.28 11.38
CA VAL A 146 2.14 0.57 12.54
C VAL A 146 2.34 2.08 12.61
N LEU A 147 2.61 2.56 13.81
CA LEU A 147 2.66 3.99 14.09
C LEU A 147 4.09 4.42 14.39
N ARG A 148 4.47 5.56 13.82
CA ARG A 148 5.79 6.14 14.05
C ARG A 148 5.64 7.19 15.15
N LEU A 149 5.76 6.75 16.39
CA LEU A 149 5.69 7.63 17.54
C LEU A 149 7.08 8.19 17.83
N ARG A 150 7.18 9.05 18.84
CA ARG A 150 8.43 9.70 19.26
C ARG A 150 8.97 10.63 18.18
N GLY A 151 8.08 11.21 17.37
CA GLY A 151 8.47 12.14 16.34
C GLY A 151 8.76 11.49 15.01
N GLY A 152 7.87 10.59 14.57
CA GLY A 152 8.07 9.91 13.30
C GLY A 152 7.97 10.88 12.14
N MET A 153 8.93 10.78 11.21
CA MET A 153 9.00 11.68 10.08
C MET A 153 9.41 10.91 8.83
N GLN A 154 8.71 11.18 7.73
CA GLN A 154 9.16 10.77 6.40
C GLN A 154 9.95 11.91 5.80
N ILE A 155 11.22 11.68 5.49
CA ILE A 155 12.00 12.66 4.75
C ILE A 155 12.39 12.04 3.41
N PHE A 156 12.60 12.91 2.42
CA PHE A 156 13.05 12.49 1.10
C PHE A 156 14.49 12.91 0.92
N VAL A 157 15.28 12.06 0.25
CA VAL A 157 16.67 12.31 -0.03
C VAL A 157 16.86 12.12 -1.53
N LYS A 158 17.21 13.19 -2.23
CA LYS A 158 17.26 13.21 -3.68
C LYS A 158 18.70 13.50 -4.12
N THR A 159 19.20 12.71 -5.06
CA THR A 159 20.53 12.92 -5.60
C THR A 159 20.48 13.92 -6.76
N LEU A 160 21.67 14.30 -7.23
CA LEU A 160 21.76 15.32 -8.26
C LEU A 160 21.06 14.92 -9.56
N THR A 161 20.83 13.63 -9.75
CA THR A 161 20.07 13.16 -10.90
C THR A 161 18.58 13.30 -10.62
N GLY A 162 18.01 12.32 -9.92
CA GLY A 162 16.60 12.36 -9.57
C GLY A 162 16.19 11.18 -8.70
N LYS A 163 17.14 10.28 -8.46
CA LYS A 163 16.89 9.07 -7.67
C LYS A 163 16.54 9.46 -6.24
N THR A 164 15.25 9.60 -5.95
CA THR A 164 14.78 10.01 -4.64
C THR A 164 14.42 8.79 -3.80
N ILE A 165 14.93 8.75 -2.56
CA ILE A 165 14.59 7.72 -1.61
C ILE A 165 13.86 8.36 -0.44
N THR A 166 13.18 7.52 0.34
CA THR A 166 12.41 7.95 1.49
C THR A 166 12.98 7.29 2.75
N LEU A 167 13.17 8.08 3.80
CA LEU A 167 13.74 7.60 5.05
C LEU A 167 12.81 7.92 6.22
N GLU A 168 12.69 6.96 7.12
CA GLU A 168 11.98 7.13 8.38
C GLU A 168 12.97 7.62 9.43
N VAL A 169 12.74 8.81 9.98
CA VAL A 169 13.69 9.42 10.90
C VAL A 169 12.94 10.18 11.98
N GLU A 170 13.67 10.47 13.05
CA GLU A 170 13.22 11.29 14.16
C GLU A 170 13.96 12.61 14.15
N PRO A 171 13.45 13.64 14.84
CA PRO A 171 14.22 14.88 14.97
C PRO A 171 15.57 14.68 15.65
N SER A 172 15.66 13.76 16.59
CA SER A 172 16.89 13.50 17.33
C SER A 172 17.89 12.66 16.54
N ASP A 173 17.50 12.09 15.41
CA ASP A 173 18.43 11.35 14.57
C ASP A 173 19.50 12.27 14.03
N THR A 174 20.76 11.90 14.24
CA THR A 174 21.87 12.73 13.78
C THR A 174 22.13 12.47 12.29
N ILE A 175 22.91 13.38 11.69
CA ILE A 175 23.26 13.25 10.27
C ILE A 175 24.01 11.95 10.03
N GLU A 176 24.76 11.48 11.03
CA GLU A 176 25.44 10.19 10.90
C GLU A 176 24.44 9.05 10.85
N ASN A 177 23.39 9.12 11.67
CA ASN A 177 22.31 8.13 11.59
C ASN A 177 21.66 8.15 10.21
N VAL A 178 21.49 9.34 9.62
CA VAL A 178 20.85 9.44 8.32
C VAL A 178 21.74 8.83 7.25
N LYS A 179 23.04 9.12 7.28
CA LYS A 179 23.95 8.49 6.35
C LYS A 179 23.99 6.97 6.52
N ALA A 180 23.85 6.49 7.76
CA ALA A 180 23.78 5.05 7.98
C ALA A 180 22.50 4.46 7.38
N LYS A 181 21.38 5.16 7.52
CA LYS A 181 20.14 4.69 6.92
C LYS A 181 20.23 4.66 5.39
N ILE A 182 20.90 5.65 4.81
CA ILE A 182 21.13 5.64 3.37
C ILE A 182 22.03 4.47 2.98
N GLN A 183 23.03 4.17 3.80
CA GLN A 183 23.88 3.01 3.55
C GLN A 183 23.08 1.72 3.59
N ASP A 184 22.11 1.63 4.50
CA ASP A 184 21.33 0.41 4.63
C ASP A 184 20.27 0.27 3.54
N LYS A 185 19.79 1.38 2.99
CA LYS A 185 18.74 1.33 1.98
C LYS A 185 19.25 1.43 0.55
N GLU A 186 20.50 1.87 0.35
CA GLU A 186 21.06 2.01 -0.99
C GLU A 186 22.48 1.47 -1.13
N GLY A 187 23.17 1.16 -0.04
CA GLY A 187 24.51 0.60 -0.11
C GLY A 187 25.63 1.61 -0.12
N ILE A 188 25.32 2.90 -0.18
CA ILE A 188 26.34 3.96 -0.28
C ILE A 188 27.09 4.08 1.04
N PRO A 189 28.40 3.90 1.06
CA PRO A 189 29.18 4.11 2.30
C PRO A 189 29.06 5.55 2.76
N PRO A 190 28.85 5.77 4.06
CA PRO A 190 28.68 7.15 4.55
C PRO A 190 29.90 8.04 4.37
N ASP A 191 31.10 7.47 4.23
CA ASP A 191 32.28 8.29 3.97
C ASP A 191 32.28 8.86 2.56
N GLN A 192 31.30 8.49 1.72
CA GLN A 192 31.15 9.03 0.39
C GLN A 192 29.93 9.91 0.24
N GLN A 193 29.13 10.08 1.29
CA GLN A 193 27.90 10.83 1.23
C GLN A 193 28.12 12.24 1.77
N ARG A 194 27.48 13.22 1.13
CA ARG A 194 27.42 14.58 1.65
C ARG A 194 25.99 15.07 1.55
N LEU A 195 25.38 15.37 2.70
CA LEU A 195 23.98 15.76 2.78
C LEU A 195 23.86 17.27 2.90
N ILE A 196 22.92 17.83 2.15
CA ILE A 196 22.74 19.27 2.04
C ILE A 196 21.26 19.59 2.25
N PHE A 197 20.99 20.65 3.00
CA PHE A 197 19.62 21.09 3.21
C PHE A 197 19.59 22.61 3.22
N ALA A 198 18.69 23.18 2.41
CA ALA A 198 18.53 24.62 2.25
C ALA A 198 19.78 25.28 1.65
N GLY A 199 20.77 24.48 1.28
CA GLY A 199 21.97 24.98 0.62
C GLY A 199 23.26 24.77 1.39
N LYS A 200 23.22 24.32 2.64
CA LYS A 200 24.40 24.14 3.45
C LYS A 200 24.64 22.66 3.72
N GLN A 201 25.91 22.27 3.81
CA GLN A 201 26.24 20.90 4.15
C GLN A 201 25.88 20.61 5.61
N LEU A 202 25.55 19.35 5.88
CA LEU A 202 25.13 18.91 7.20
C LEU A 202 26.30 18.21 7.89
N GLU A 203 26.65 18.68 9.08
CA GLU A 203 27.76 18.12 9.84
C GLU A 203 27.33 16.83 10.54
N ASP A 204 28.27 15.89 10.62
CA ASP A 204 27.98 14.57 11.21
C ASP A 204 27.50 14.67 12.65
N GLY A 205 27.90 15.72 13.37
CA GLY A 205 27.63 15.82 14.80
C GLY A 205 26.32 16.46 15.19
N ARG A 206 25.57 17.01 14.23
CA ARG A 206 24.31 17.68 14.52
C ARG A 206 23.14 16.74 14.23
N THR A 207 22.00 17.04 14.86
CA THR A 207 20.78 16.29 14.62
C THR A 207 19.99 16.90 13.47
N LEU A 208 18.92 16.20 13.07
CA LEU A 208 18.02 16.75 12.06
C LEU A 208 17.30 17.99 12.60
N SER A 209 16.96 17.99 13.89
CA SER A 209 16.29 19.13 14.49
C SER A 209 17.24 20.29 14.75
N ASP A 210 18.55 20.05 14.70
CA ASP A 210 19.50 21.16 14.77
C ASP A 210 19.41 22.03 13.53
N TYR A 211 19.17 21.43 12.36
CA TYR A 211 19.02 22.15 11.11
C TYR A 211 17.58 22.51 10.79
N ASN A 212 16.68 22.38 11.77
CA ASN A 212 15.26 22.73 11.60
C ASN A 212 14.60 21.92 10.49
N ILE A 213 15.06 20.69 10.29
CA ILE A 213 14.48 19.81 9.28
C ILE A 213 13.18 19.21 9.84
N GLN A 214 12.10 19.36 9.09
CA GLN A 214 10.78 18.93 9.51
C GLN A 214 10.27 17.82 8.59
N LYS A 215 9.00 17.48 8.74
CA LYS A 215 8.40 16.43 7.93
C LYS A 215 8.40 16.82 6.45
N GLU A 216 8.46 15.80 5.60
CA GLU A 216 8.40 15.95 4.14
C GLU A 216 9.52 16.83 3.59
N SER A 217 10.59 17.03 4.36
CA SER A 217 11.70 17.85 3.90
C SER A 217 12.60 17.06 2.97
N THR A 218 13.15 17.76 1.99
CA THR A 218 13.97 17.15 0.94
C THR A 218 15.43 17.50 1.18
N LEU A 219 16.22 16.52 1.58
CA LEU A 219 17.66 16.65 1.66
C LEU A 219 18.27 16.25 0.31
N HIS A 220 19.27 17.00 -0.12
CA HIS A 220 20.00 16.69 -1.34
C HIS A 220 21.25 15.90 -0.98
N LEU A 221 21.54 14.88 -1.80
CA LEU A 221 22.67 14.00 -1.58
C LEU A 221 23.69 14.18 -2.69
N VAL A 222 24.95 14.33 -2.31
CA VAL A 222 26.05 14.44 -3.27
C VAL A 222 27.06 13.35 -2.95
N LEU A 223 27.44 12.58 -3.97
CA LEU A 223 28.39 11.50 -3.80
C LEU A 223 29.79 11.99 -4.06
N ARG A 224 30.68 11.78 -3.08
CA ARG A 224 32.09 12.05 -3.30
C ARG A 224 32.65 11.12 -4.38
N LEU A 225 33.80 11.50 -4.91
CA LEU A 225 34.54 10.64 -5.82
C LEU A 225 35.45 9.66 -5.08
N ARG A 226 35.48 9.74 -3.75
CA ARG A 226 36.46 9.02 -2.94
C ARG A 226 35.82 8.56 -1.65
N GLY A 227 36.48 7.61 -1.00
CA GLY A 227 36.14 7.22 0.35
C GLY A 227 37.29 7.47 1.28
N GLY A 228 37.34 6.74 2.40
CA GLY A 228 38.44 6.87 3.33
C GLY A 228 39.50 5.81 3.12
N MET A 229 39.08 4.62 2.71
CA MET A 229 39.96 3.49 2.50
C MET A 229 39.88 3.01 1.06
N GLN A 230 41.04 2.82 0.43
CA GLN A 230 41.13 2.28 -0.91
C GLN A 230 42.17 1.17 -0.93
N ILE A 231 41.93 0.16 -1.76
CA ILE A 231 42.87 -0.93 -1.94
C ILE A 231 43.18 -1.09 -3.42
N PHE A 232 44.36 -1.62 -3.72
CA PHE A 232 44.78 -1.85 -5.10
C PHE A 232 44.60 -3.31 -5.46
N VAL A 233 44.24 -3.56 -6.72
CA VAL A 233 44.07 -4.90 -7.23
C VAL A 233 44.81 -5.01 -8.56
N LYS A 234 45.52 -6.11 -8.77
CA LYS A 234 46.23 -6.35 -10.01
C LYS A 234 45.59 -7.53 -10.73
N THR A 235 45.21 -7.31 -11.99
CA THR A 235 44.56 -8.32 -12.81
C THR A 235 45.59 -9.30 -13.36
N LEU A 236 45.10 -10.44 -13.84
CA LEU A 236 45.96 -11.43 -14.48
C LEU A 236 46.72 -10.84 -15.67
N THR A 237 46.16 -9.80 -16.29
CA THR A 237 46.86 -9.09 -17.36
C THR A 237 47.90 -8.10 -16.83
N GLY A 238 47.83 -7.74 -15.55
CA GLY A 238 48.78 -6.82 -14.95
C GLY A 238 48.28 -5.41 -14.75
N LYS A 239 47.07 -5.09 -15.19
CA LYS A 239 46.51 -3.76 -14.97
C LYS A 239 46.11 -3.59 -13.52
N THR A 240 46.37 -2.40 -12.98
CA THR A 240 46.04 -2.08 -11.60
C THR A 240 44.76 -1.26 -11.54
N ILE A 241 43.90 -1.58 -10.57
CA ILE A 241 42.67 -0.85 -10.33
C ILE A 241 42.60 -0.54 -8.84
N THR A 242 41.77 0.45 -8.51
CA THR A 242 41.61 0.90 -7.12
C THR A 242 40.16 0.75 -6.70
N LEU A 243 39.95 0.11 -5.56
CA LEU A 243 38.61 -0.14 -5.01
C LEU A 243 38.41 0.70 -3.76
N GLU A 244 37.34 1.48 -3.75
CA GLU A 244 36.86 2.16 -2.55
C GLU A 244 36.23 1.12 -1.63
N VAL A 245 36.85 0.88 -0.47
CA VAL A 245 36.40 -0.16 0.44
C VAL A 245 36.35 0.39 1.85
N GLU A 246 35.79 -0.40 2.74
CA GLU A 246 35.79 -0.18 4.18
C GLU A 246 36.38 -1.40 4.87
N PRO A 247 37.02 -1.22 6.04
CA PRO A 247 37.58 -2.38 6.74
C PRO A 247 36.55 -3.44 7.11
N SER A 248 35.28 -3.05 7.25
CA SER A 248 34.20 -3.98 7.54
C SER A 248 33.65 -4.68 6.31
N ASP A 249 34.31 -4.53 5.16
CA ASP A 249 33.83 -5.16 3.94
C ASP A 249 34.22 -6.64 3.91
N THR A 250 33.36 -7.44 3.30
CA THR A 250 33.62 -8.86 3.12
C THR A 250 34.19 -9.10 1.73
N ILE A 251 34.85 -10.23 1.56
CA ILE A 251 35.47 -10.56 0.28
C ILE A 251 34.43 -10.62 -0.84
N GLU A 252 33.18 -10.95 -0.49
CA GLU A 252 32.11 -10.86 -1.48
C GLU A 252 31.90 -9.43 -1.95
N ASN A 253 32.03 -8.47 -1.03
CA ASN A 253 31.88 -7.07 -1.40
C ASN A 253 32.99 -6.62 -2.34
N VAL A 254 34.25 -6.92 -1.99
CA VAL A 254 35.35 -6.49 -2.84
C VAL A 254 35.33 -7.24 -4.17
N LYS A 255 34.78 -8.46 -4.20
CA LYS A 255 34.65 -9.15 -5.48
C LYS A 255 33.55 -8.53 -6.33
N ALA A 256 32.45 -8.09 -5.72
CA ALA A 256 31.45 -7.32 -6.46
C ALA A 256 32.05 -6.03 -7.00
N LYS A 257 32.91 -5.37 -6.23
CA LYS A 257 33.55 -4.15 -6.70
C LYS A 257 34.49 -4.44 -7.87
N ILE A 258 35.24 -5.54 -7.79
CA ILE A 258 36.08 -5.96 -8.91
C ILE A 258 35.22 -6.22 -10.14
N GLN A 259 34.05 -6.83 -9.94
CA GLN A 259 33.14 -7.07 -11.06
C GLN A 259 32.66 -5.76 -11.67
N ASP A 260 32.43 -4.75 -10.84
CA ASP A 260 32.06 -3.43 -11.36
C ASP A 260 33.20 -2.82 -12.16
N LYS A 261 34.42 -2.95 -11.67
CA LYS A 261 35.55 -2.28 -12.32
C LYS A 261 35.94 -2.96 -13.62
N GLU A 262 36.15 -4.28 -13.60
CA GLU A 262 36.68 -5.00 -14.76
C GLU A 262 35.72 -6.03 -15.34
N GLY A 263 34.49 -6.12 -14.85
CA GLY A 263 33.50 -7.00 -15.45
C GLY A 263 33.75 -8.48 -15.29
N ILE A 264 34.77 -8.87 -14.53
CA ILE A 264 35.08 -10.30 -14.36
C ILE A 264 34.12 -10.88 -13.33
N PRO A 265 33.47 -12.01 -13.60
CA PRO A 265 32.49 -12.54 -12.66
C PRO A 265 33.16 -13.04 -11.40
N PRO A 266 32.46 -13.00 -10.26
CA PRO A 266 33.14 -13.30 -8.99
C PRO A 266 33.57 -14.75 -8.83
N ASP A 267 32.90 -15.70 -9.51
CA ASP A 267 33.31 -17.10 -9.36
C ASP A 267 34.68 -17.35 -9.99
N GLN A 268 35.05 -16.59 -11.02
CA GLN A 268 36.38 -16.66 -11.61
C GLN A 268 37.34 -15.68 -10.97
N GLN A 269 37.18 -15.37 -9.69
CA GLN A 269 38.07 -14.46 -8.97
C GLN A 269 38.68 -15.19 -7.78
N ARG A 270 40.00 -15.28 -7.76
CA ARG A 270 40.74 -15.88 -6.65
C ARG A 270 41.73 -14.83 -6.16
N LEU A 271 41.47 -14.28 -4.97
CA LEU A 271 42.27 -13.19 -4.44
C LEU A 271 43.41 -13.72 -3.58
N ILE A 272 44.56 -13.05 -3.68
CA ILE A 272 45.77 -13.45 -2.96
C ILE A 272 46.33 -12.22 -2.27
N PHE A 273 46.81 -12.39 -1.03
CA PHE A 273 47.45 -11.31 -0.30
C PHE A 273 48.52 -11.91 0.61
N ALA A 274 49.76 -11.45 0.44
CA ALA A 274 50.89 -11.88 1.27
C ALA A 274 51.09 -13.40 1.24
N GLY A 275 50.82 -14.02 0.10
CA GLY A 275 50.94 -15.46 0.00
C GLY A 275 49.85 -16.23 0.70
N LYS A 276 48.64 -15.68 0.74
CA LYS A 276 47.49 -16.31 1.38
C LYS A 276 46.29 -16.26 0.45
N GLN A 277 45.32 -17.13 0.72
CA GLN A 277 44.03 -17.07 0.03
C GLN A 277 43.07 -16.23 0.85
N LEU A 278 42.01 -15.75 0.19
CA LEU A 278 41.01 -14.90 0.83
C LEU A 278 39.66 -15.60 0.77
N GLU A 279 39.27 -16.19 1.90
CA GLU A 279 37.97 -16.82 2.02
C GLU A 279 36.86 -15.80 1.85
N ASP A 280 35.77 -16.22 1.18
CA ASP A 280 34.63 -15.32 0.99
C ASP A 280 34.04 -14.86 2.32
N GLY A 281 34.12 -15.71 3.34
CA GLY A 281 33.49 -15.42 4.62
C GLY A 281 34.10 -14.27 5.39
N ARG A 282 35.40 -14.37 5.72
CA ARG A 282 36.07 -13.37 6.54
C ARG A 282 36.02 -11.99 5.89
N THR A 283 36.18 -10.98 6.74
CA THR A 283 36.19 -9.58 6.31
C THR A 283 37.63 -9.10 6.11
N LEU A 284 37.77 -7.85 5.67
CA LEU A 284 39.09 -7.28 5.45
C LEU A 284 39.82 -7.06 6.77
N SER A 285 39.09 -6.79 7.86
CA SER A 285 39.72 -6.64 9.17
C SER A 285 40.36 -7.94 9.64
N ASP A 286 39.71 -9.07 9.35
CA ASP A 286 40.24 -10.36 9.78
C ASP A 286 41.51 -10.74 9.02
N TYR A 287 41.80 -10.11 7.90
CA TYR A 287 43.02 -10.36 7.14
C TYR A 287 44.08 -9.28 7.35
N ASN A 288 43.84 -8.34 8.27
CA ASN A 288 44.78 -7.25 8.55
C ASN A 288 45.06 -6.42 7.30
N ILE A 289 44.12 -6.41 6.36
CA ILE A 289 44.32 -5.73 5.08
C ILE A 289 44.25 -4.23 5.31
N GLN A 290 45.39 -3.56 5.21
CA GLN A 290 45.49 -2.13 5.46
C GLN A 290 45.15 -1.35 4.19
N LYS A 291 45.01 -0.04 4.36
CA LYS A 291 44.79 0.84 3.22
C LYS A 291 46.01 0.80 2.30
N GLU A 292 45.75 0.81 0.99
CA GLU A 292 46.75 0.87 -0.08
C GLU A 292 47.54 -0.42 -0.23
N SER A 293 47.17 -1.48 0.47
CA SER A 293 47.79 -2.78 0.26
C SER A 293 47.19 -3.43 -0.98
N THR A 294 48.06 -3.99 -1.82
CA THR A 294 47.64 -4.54 -3.10
C THR A 294 47.29 -6.02 -2.98
N LEU A 295 46.35 -6.45 -3.80
CA LEU A 295 45.94 -7.85 -3.89
C LEU A 295 46.11 -8.31 -5.33
N HIS A 296 46.31 -9.62 -5.50
CA HIS A 296 46.51 -10.24 -6.80
C HIS A 296 45.42 -11.27 -7.04
N LEU A 297 44.93 -11.33 -8.28
CA LEU A 297 43.92 -12.32 -8.66
C LEU A 297 44.44 -13.16 -9.80
N VAL A 298 44.07 -14.45 -9.78
CA VAL A 298 44.47 -15.44 -10.78
C VAL A 298 43.82 -16.77 -10.43
N LEU A 299 43.30 -17.48 -11.42
CA LEU A 299 42.72 -18.80 -11.20
C LEU A 299 43.66 -19.88 -11.72
N LYS B 38 -47.27 13.80 -1.63
CA LYS B 38 -48.08 13.40 -2.79
C LYS B 38 -47.25 12.56 -3.75
N GLN B 39 -46.91 13.13 -4.91
CA GLN B 39 -46.03 12.46 -5.85
C GLN B 39 -44.63 12.28 -5.28
N GLU B 40 -44.22 13.17 -4.38
CA GLU B 40 -42.93 13.03 -3.72
C GLU B 40 -42.87 11.74 -2.90
N LEU B 41 -43.98 11.36 -2.28
CA LEU B 41 -44.03 10.10 -1.55
C LEU B 41 -43.76 8.92 -2.46
N VAL B 42 -44.40 8.89 -3.63
CA VAL B 42 -44.20 7.78 -4.56
C VAL B 42 -42.76 7.78 -5.07
N THR B 43 -42.20 8.96 -5.35
CA THR B 43 -40.81 9.05 -5.79
C THR B 43 -39.87 8.47 -4.73
N GLN B 44 -40.01 8.93 -3.50
CA GLN B 44 -39.13 8.45 -2.43
C GLN B 44 -39.36 6.97 -2.15
N ASN B 45 -40.58 6.47 -2.36
CA ASN B 45 -40.83 5.04 -2.14
C ASN B 45 -40.15 4.20 -3.20
N GLU B 46 -40.20 4.63 -4.47
CA GLU B 46 -39.45 3.94 -5.50
C GLU B 46 -37.96 3.96 -5.21
N LEU B 47 -37.45 5.11 -4.77
CA LEU B 47 -36.05 5.21 -4.38
C LEU B 47 -35.71 4.24 -3.26
N LEU B 48 -36.59 4.14 -2.27
CA LEU B 48 -36.33 3.27 -1.12
C LEU B 48 -36.38 1.80 -1.53
N LYS B 49 -37.28 1.45 -2.46
CA LYS B 49 -37.31 0.07 -2.96
C LYS B 49 -36.01 -0.26 -3.67
N GLN B 50 -35.55 0.64 -4.55
CA GLN B 50 -34.27 0.43 -5.21
C GLN B 50 -33.14 0.30 -4.19
N GLN B 51 -33.17 1.10 -3.12
CA GLN B 51 -32.11 1.05 -2.13
C GLN B 51 -32.15 -0.26 -1.35
N VAL B 52 -33.34 -0.73 -1.00
CA VAL B 52 -33.48 -2.05 -0.37
C VAL B 52 -32.86 -3.12 -1.26
N LYS B 53 -33.16 -3.07 -2.55
CA LYS B 53 -32.61 -4.05 -3.47
C LYS B 53 -31.09 -3.99 -3.50
N ILE B 54 -30.53 -2.78 -3.59
CA ILE B 54 -29.09 -2.62 -3.65
C ILE B 54 -28.43 -3.11 -2.37
N PHE B 55 -29.04 -2.83 -1.22
CA PHE B 55 -28.47 -3.27 0.05
C PHE B 55 -28.52 -4.78 0.17
N GLU B 56 -29.60 -5.42 -0.28
CA GLU B 56 -29.65 -6.87 -0.26
C GLU B 56 -28.59 -7.47 -1.18
N GLU B 57 -28.37 -6.85 -2.34
CA GLU B 57 -27.30 -7.30 -3.23
C GLU B 57 -25.95 -7.21 -2.53
N ASP B 58 -25.68 -6.09 -1.86
CA ASP B 58 -24.39 -5.92 -1.18
C ASP B 58 -24.23 -6.93 -0.06
N PHE B 59 -25.31 -7.22 0.67
CA PHE B 59 -25.25 -8.25 1.70
C PHE B 59 -24.91 -9.61 1.10
N GLN B 60 -25.54 -9.96 -0.02
CA GLN B 60 -25.26 -11.24 -0.65
C GLN B 60 -23.81 -11.31 -1.12
N ARG B 61 -23.28 -10.20 -1.63
CA ARG B 61 -21.86 -10.17 -2.03
C ARG B 61 -20.95 -10.39 -0.83
N GLU B 62 -21.24 -9.71 0.28
CA GLU B 62 -20.44 -9.91 1.48
C GLU B 62 -20.51 -11.36 1.95
N ARG B 63 -21.68 -11.98 1.87
CA ARG B 63 -21.82 -13.36 2.32
C ARG B 63 -21.08 -14.32 1.41
N SER B 64 -21.08 -14.06 0.10
CA SER B 64 -20.27 -14.86 -0.81
C SER B 64 -18.80 -14.74 -0.49
N ASP B 65 -18.34 -13.51 -0.20
CA ASP B 65 -16.95 -13.32 0.23
C ASP B 65 -16.64 -14.13 1.48
N ARG B 66 -17.58 -14.17 2.43
CA ARG B 66 -17.33 -14.92 3.65
C ARG B 66 -17.27 -16.43 3.38
N GLU B 67 -18.13 -16.93 2.48
CA GLU B 67 -18.07 -18.34 2.08
C GLU B 67 -16.72 -18.67 1.47
N ARG B 68 -16.24 -17.82 0.55
CA ARG B 68 -14.96 -18.09 -0.10
C ARG B 68 -13.82 -18.03 0.91
N MET B 69 -13.89 -17.08 1.85
CA MET B 69 -12.86 -17.00 2.87
C MET B 69 -12.87 -18.22 3.78
N ASN B 70 -14.06 -18.79 4.02
CA ASN B 70 -14.12 -20.04 4.77
C ASN B 70 -13.47 -21.18 3.99
N GLU B 71 -13.67 -21.21 2.67
CA GLU B 71 -12.95 -22.18 1.84
C GLU B 71 -11.45 -22.04 2.01
N GLU B 72 -10.96 -20.79 1.95
CA GLU B 72 -9.52 -20.55 2.10
C GLU B 72 -9.02 -20.92 3.49
N LYS B 73 -9.84 -20.69 4.52
CA LYS B 73 -9.48 -21.08 5.88
C LYS B 73 -9.36 -22.58 6.00
N GLU B 74 -10.28 -23.33 5.37
CA GLU B 74 -10.19 -24.79 5.40
C GLU B 74 -8.95 -25.27 4.64
N GLU B 75 -8.63 -24.63 3.52
CA GLU B 75 -7.40 -24.97 2.80
C GLU B 75 -6.18 -24.74 3.69
N LEU B 76 -6.18 -23.65 4.46
CA LEU B 76 -5.06 -23.38 5.36
C LEU B 76 -4.97 -24.40 6.48
N LYS B 77 -6.13 -24.85 7.00
CA LYS B 77 -6.11 -25.92 7.99
C LYS B 77 -5.49 -27.18 7.41
N LYS B 78 -5.90 -27.56 6.20
CA LYS B 78 -5.33 -28.73 5.55
C LYS B 78 -3.82 -28.56 5.35
N GLN B 79 -3.38 -27.34 5.04
CA GLN B 79 -1.95 -27.10 4.87
C GLN B 79 -1.20 -27.22 6.21
N VAL B 80 -1.83 -26.76 7.29
CA VAL B 80 -1.24 -26.93 8.62
C VAL B 80 -1.07 -28.42 8.93
N GLU B 81 -2.10 -29.22 8.65
CA GLU B 81 -2.00 -30.66 8.86
C GLU B 81 -0.89 -31.28 8.02
N LYS B 82 -0.78 -30.88 6.76
CA LYS B 82 0.26 -31.42 5.89
C LYS B 82 1.65 -31.07 6.41
N LEU B 83 1.84 -29.82 6.82
CA LEU B 83 3.15 -29.42 7.34
C LEU B 83 3.47 -30.08 8.67
N GLN B 84 2.45 -30.35 9.50
CA GLN B 84 2.69 -31.09 10.73
C GLN B 84 3.09 -32.53 10.43
N ALA B 85 2.44 -33.15 9.44
CA ALA B 85 2.83 -34.50 9.03
C ALA B 85 4.24 -34.51 8.44
N GLN B 86 4.66 -33.40 7.82
CA GLN B 86 6.03 -33.30 7.35
C GLN B 86 7.01 -33.13 8.51
N VAL B 87 6.63 -32.33 9.52
CA VAL B 87 7.50 -32.10 10.66
C VAL B 87 7.71 -33.39 11.44
N THR B 88 6.64 -34.16 11.66
CA THR B 88 6.76 -35.46 12.31
C THR B 88 7.81 -36.33 11.63
N LEU B 89 7.95 -36.22 10.32
CA LEU B 89 8.97 -36.95 9.57
C LEU B 89 10.36 -36.35 9.72
N SER B 90 10.70 -35.82 10.90
CA SER B 90 12.05 -35.37 11.20
C SER B 90 12.75 -36.23 12.23
N ASN B 91 12.13 -36.46 13.38
CA ASN B 91 12.71 -37.31 14.42
C ASN B 91 11.62 -37.91 15.31
N ALA C 32 -62.29 12.24 -4.76
CA ALA C 32 -61.56 10.98 -4.68
C ALA C 32 -60.93 10.80 -3.30
N GLY C 33 -60.85 9.55 -2.85
CA GLY C 33 -60.29 9.23 -1.55
C GLY C 33 -58.77 9.28 -1.53
N ALA C 34 -58.22 10.49 -1.57
CA ALA C 34 -56.77 10.65 -1.55
C ALA C 34 -56.16 10.37 -0.18
N LEU C 35 -56.96 10.46 0.88
CA LEU C 35 -56.44 10.21 2.23
C LEU C 35 -56.00 8.76 2.40
N LEU C 36 -56.78 7.81 1.86
CA LEU C 36 -56.45 6.40 2.01
C LEU C 36 -55.14 6.08 1.30
N ARG C 37 -55.00 6.50 0.04
CA ARG C 37 -53.77 6.27 -0.69
C ARG C 37 -52.60 7.00 -0.04
N LYS C 38 -52.85 8.19 0.51
CA LYS C 38 -51.79 8.94 1.19
C LYS C 38 -51.28 8.19 2.40
N GLN C 39 -52.19 7.68 3.23
CA GLN C 39 -51.78 6.95 4.42
C GLN C 39 -51.11 5.63 4.07
N GLU C 40 -51.59 4.95 3.02
CA GLU C 40 -50.90 3.75 2.55
C GLU C 40 -49.49 4.07 2.10
N LEU C 41 -49.31 5.18 1.38
CA LEU C 41 -47.98 5.57 0.92
C LEU C 41 -47.07 5.91 2.10
N VAL C 42 -47.61 6.57 3.12
CA VAL C 42 -46.79 6.93 4.29
C VAL C 42 -46.38 5.67 5.06
N THR C 43 -47.31 4.71 5.19
CA THR C 43 -46.97 3.45 5.85
C THR C 43 -45.90 2.69 5.06
N GLN C 44 -46.05 2.63 3.73
CA GLN C 44 -45.01 2.01 2.91
C GLN C 44 -43.68 2.73 3.06
N ASN C 45 -43.72 4.06 3.15
CA ASN C 45 -42.51 4.85 3.30
C ASN C 45 -41.78 4.49 4.59
N GLU C 46 -42.49 4.51 5.72
CA GLU C 46 -41.84 4.20 6.99
C GLU C 46 -41.37 2.75 7.04
N LEU C 47 -42.16 1.82 6.49
CA LEU C 47 -41.75 0.42 6.48
C LEU C 47 -40.49 0.22 5.64
N LEU C 48 -40.40 0.88 4.49
CA LEU C 48 -39.22 0.73 3.64
C LEU C 48 -38.00 1.37 4.27
N LYS C 49 -38.18 2.50 4.98
CA LYS C 49 -37.06 3.08 5.71
C LYS C 49 -36.55 2.11 6.77
N GLN C 50 -37.48 1.48 7.51
CA GLN C 50 -37.07 0.50 8.51
C GLN C 50 -36.36 -0.69 7.86
N GLN C 51 -36.82 -1.10 6.67
CA GLN C 51 -36.19 -2.22 5.98
C GLN C 51 -34.76 -1.87 5.55
N VAL C 52 -34.57 -0.65 5.04
CA VAL C 52 -33.22 -0.19 4.69
C VAL C 52 -32.32 -0.23 5.92
N LYS C 53 -32.82 0.29 7.04
CA LYS C 53 -32.06 0.31 8.28
C LYS C 53 -31.67 -1.12 8.70
N ILE C 54 -32.62 -2.05 8.61
CA ILE C 54 -32.38 -3.42 9.03
C ILE C 54 -31.35 -4.08 8.12
N PHE C 55 -31.47 -3.89 6.81
CA PHE C 55 -30.54 -4.51 5.88
C PHE C 55 -29.14 -3.94 6.05
N GLU C 56 -29.03 -2.65 6.37
CA GLU C 56 -27.71 -2.09 6.66
C GLU C 56 -27.11 -2.70 7.91
N GLU C 57 -27.90 -2.88 8.97
CA GLU C 57 -27.40 -3.54 10.17
C GLU C 57 -26.93 -4.96 9.85
N ASP C 58 -27.69 -5.68 9.03
CA ASP C 58 -27.31 -7.04 8.66
C ASP C 58 -26.01 -7.06 7.87
N PHE C 59 -25.84 -6.12 6.95
CA PHE C 59 -24.59 -6.04 6.21
C PHE C 59 -23.42 -5.74 7.14
N GLN C 60 -23.64 -4.87 8.13
CA GLN C 60 -22.56 -4.56 9.08
C GLN C 60 -22.18 -5.80 9.89
N ARG C 61 -23.18 -6.58 10.32
CA ARG C 61 -22.89 -7.81 11.05
C ARG C 61 -22.11 -8.80 10.18
N GLU C 62 -22.53 -8.96 8.93
CA GLU C 62 -21.83 -9.86 8.02
C GLU C 62 -20.38 -9.41 7.82
N ARG C 63 -20.16 -8.09 7.71
CA ARG C 63 -18.82 -7.56 7.55
C ARG C 63 -17.96 -7.82 8.79
N SER C 64 -18.55 -7.67 9.98
CA SER C 64 -17.81 -7.98 11.20
C SER C 64 -17.39 -9.45 11.23
N ASP C 65 -18.31 -10.35 10.87
CA ASP C 65 -17.98 -11.77 10.84
C ASP C 65 -16.88 -12.06 9.83
N ARG C 66 -16.93 -11.38 8.67
CA ARG C 66 -15.87 -11.57 7.68
C ARG C 66 -14.52 -11.09 8.20
N GLU C 67 -14.49 -9.97 8.93
CA GLU C 67 -13.25 -9.49 9.52
C GLU C 67 -12.69 -10.50 10.53
N ARG C 68 -13.56 -11.05 11.37
CA ARG C 68 -13.10 -12.05 12.33
C ARG C 68 -12.58 -13.30 11.63
N MET C 69 -13.23 -13.69 10.53
CA MET C 69 -12.74 -14.82 9.75
C MET C 69 -11.38 -14.52 9.13
N ASN C 70 -11.14 -13.27 8.73
CA ASN C 70 -9.81 -12.91 8.23
C ASN C 70 -8.77 -12.97 9.34
N GLU C 71 -9.15 -12.59 10.57
CA GLU C 71 -8.25 -12.75 11.70
C GLU C 71 -7.85 -14.21 11.87
N GLU C 72 -8.85 -15.11 11.83
CA GLU C 72 -8.55 -16.54 11.91
C GLU C 72 -7.64 -16.99 10.77
N LYS C 73 -7.92 -16.53 9.55
CA LYS C 73 -7.12 -16.91 8.39
C LYS C 73 -5.69 -16.44 8.54
N GLU C 74 -5.47 -15.25 9.10
CA GLU C 74 -4.12 -14.75 9.31
C GLU C 74 -3.40 -15.54 10.39
N GLU C 75 -4.12 -15.95 11.44
CA GLU C 75 -3.51 -16.82 12.44
C GLU C 75 -3.05 -18.13 11.81
N LEU C 76 -3.89 -18.71 10.96
CA LEU C 76 -3.51 -19.94 10.27
C LEU C 76 -2.32 -19.72 9.35
N LYS C 77 -2.26 -18.55 8.70
CA LYS C 77 -1.10 -18.24 7.87
C LYS C 77 0.18 -18.18 8.70
N LYS C 78 0.09 -17.57 9.89
CA LYS C 78 1.25 -17.54 10.78
C LYS C 78 1.68 -18.94 11.19
N GLN C 79 0.71 -19.80 11.49
CA GLN C 79 1.03 -21.17 11.86
C GLN C 79 1.70 -21.92 10.70
N VAL C 80 1.20 -21.72 9.47
CA VAL C 80 1.81 -22.34 8.30
C VAL C 80 3.23 -21.83 8.11
N GLU C 81 3.45 -20.53 8.30
CA GLU C 81 4.79 -19.97 8.17
C GLU C 81 5.74 -20.59 9.20
N LYS C 82 5.28 -20.76 10.43
CA LYS C 82 6.12 -21.36 11.46
C LYS C 82 6.46 -22.81 11.12
N LEU C 83 5.47 -23.59 10.68
CA LEU C 83 5.73 -24.98 10.33
C LEU C 83 6.66 -25.08 9.12
N GLN C 84 6.52 -24.15 8.17
CA GLN C 84 7.42 -24.16 7.02
C GLN C 84 8.84 -23.83 7.42
N ALA C 85 9.00 -22.88 8.36
CA ALA C 85 10.34 -22.57 8.87
C ALA C 85 10.93 -23.75 9.62
N GLN C 86 10.09 -24.52 10.32
CA GLN C 86 10.58 -25.72 10.99
C GLN C 86 11.01 -26.78 9.98
N VAL C 87 10.20 -26.99 8.92
CA VAL C 87 10.54 -27.98 7.91
C VAL C 87 11.82 -27.59 7.18
N THR C 88 11.99 -26.30 6.90
CA THR C 88 13.16 -25.84 6.15
C THR C 88 14.45 -26.09 6.93
N LEU C 89 14.40 -26.05 8.26
CA LEU C 89 15.58 -26.32 9.06
C LEU C 89 16.09 -27.75 8.85
N SER C 90 15.26 -28.66 8.34
CA SER C 90 15.67 -30.02 8.01
C SER C 90 16.52 -29.96 6.74
N ASN C 91 17.77 -29.54 6.91
CA ASN C 91 18.72 -29.35 5.81
C ASN C 91 18.14 -28.43 4.72
#